data_3PFC
#
_entry.id   3PFC
#
_cell.length_a   72.046
_cell.length_b   85.402
_cell.length_c   80.981
_cell.angle_alpha   90.00
_cell.angle_beta   90.00
_cell.angle_gamma   90.00
#
_symmetry.space_group_name_H-M   'C 2 2 21'
#
loop_
_entity.id
_entity.type
_entity.pdbx_description
1 polymer 'Cinnamoyl esterase'
2 non-polymer '3-(4-HYDROXY-3-METHOXYPHENYL)-2-PROPENOIC ACID'
3 non-polymer 'SODIUM ION'
4 non-polymer 'CHLORIDE ION'
5 non-polymer 2-{2-[2-(2-{2-[2-(2-ETHOXY-ETHOXY)-ETHOXY]-ETHOXY}-ETHOXY)-ETHOXY]-ETHOXY}-ETHANOL
6 water water
#
_entity_poly.entity_id   1
_entity_poly.type   'polypeptide(L)'
_entity_poly.pdbx_seq_one_letter_code
;MGSSHHHHHHSSGRENLYFQGMATITLERDGLQLVGTREEPFGEIYDMAIIFHGFTANRNTSLLREIANSLRDENIASVR
FDFNGHGDSDGKFENMTVLNEIEDANAILNYVKTDPHVRNIYLVGHAQGGVVASMLAGLYPDLIKKVVLLAPAATLKGDA
LEGNTQGVTYNPDHIPDRLPFKDLTLGGFYLRIAQQLPIYEVSAQFTKPVCLIHGTDDTVVSPNASKKYDQIYQNSTLHL
IEGADHCFSDSYQKNAVNLTTDFLQNNNAF
;
_entity_poly.pdbx_strand_id   A
#
loop_
_chem_comp.id
_chem_comp.type
_chem_comp.name
_chem_comp.formula
CL non-polymer 'CHLORIDE ION' 'Cl -1'
FER non-polymer '3-(4-HYDROXY-3-METHOXYPHENYL)-2-PROPENOIC ACID' 'C10 H10 O4'
NA non-polymer 'SODIUM ION' 'Na 1'
PE4 non-polymer 2-{2-[2-(2-{2-[2-(2-ETHOXY-ETHOXY)-ETHOXY]-ETHOXY}-ETHOXY)-ETHOXY]-ETHOXY}-ETHANOL 'C16 H34 O8'
#
# COMPACT_ATOMS: atom_id res chain seq x y z
N ASN A 16 -4.30 21.55 10.52
CA ASN A 16 -3.43 22.72 10.54
C ASN A 16 -3.64 23.46 11.85
N LEU A 17 -3.32 24.75 11.90
CA LEU A 17 -3.49 25.49 13.15
C LEU A 17 -4.96 25.67 13.54
N TYR A 18 -5.85 25.53 12.57
CA TYR A 18 -7.25 25.91 12.74
C TYR A 18 -8.26 24.76 12.59
N PHE A 19 -7.99 23.86 11.64
CA PHE A 19 -8.83 22.69 11.42
C PHE A 19 -8.04 21.45 11.75
N GLN A 20 -8.60 20.59 12.60
CA GLN A 20 -8.08 19.23 12.75
C GLN A 20 -9.28 18.32 12.58
N GLY A 21 -9.10 17.18 11.92
CA GLY A 21 -10.18 16.23 11.79
C GLY A 21 -10.06 15.49 10.49
N MET A 22 -11.16 14.92 10.03
CA MET A 22 -11.20 14.17 8.75
C MET A 22 -11.92 15.00 7.66
N ALA A 23 -11.55 14.80 6.40
CA ALA A 23 -12.23 15.41 5.28
C ALA A 23 -12.13 14.45 4.12
N THR A 24 -13.21 14.33 3.35
CA THR A 24 -13.13 13.64 2.06
C THR A 24 -12.45 14.45 0.97
N ILE A 25 -11.63 13.79 0.16
CA ILE A 25 -11.01 14.50 -0.90
C ILE A 25 -11.14 13.58 -2.12
N THR A 26 -11.22 14.18 -3.29
CA THR A 26 -11.30 13.41 -4.54
C THR A 26 -10.23 13.93 -5.46
N LEU A 27 -9.65 13.04 -6.26
CA LEU A 27 -8.63 13.44 -7.19
C LEU A 27 -9.03 12.73 -8.49
N GLU A 28 -8.37 13.07 -9.58
CA GLU A 28 -8.66 12.43 -10.86
C GLU A 28 -7.41 11.78 -11.40
N ARG A 29 -7.54 10.59 -11.98
CA ARG A 29 -6.40 9.98 -12.66
C ARG A 29 -6.95 9.41 -13.96
N ASP A 30 -6.47 9.89 -15.10
CA ASP A 30 -7.04 9.47 -16.40
C ASP A 30 -8.57 9.39 -16.46
N GLY A 31 -9.33 10.40 -16.12
CA GLY A 31 -10.76 10.19 -16.32
C GLY A 31 -11.47 9.35 -15.26
N LEU A 32 -10.72 8.81 -14.29
CA LEU A 32 -11.33 8.16 -13.15
C LEU A 32 -11.21 9.06 -11.92
N GLN A 33 -12.29 9.13 -11.16
CA GLN A 33 -12.25 9.77 -9.86
C GLN A 33 -11.78 8.80 -8.76
N LEU A 34 -10.83 9.26 -7.93
CA LEU A 34 -10.34 8.53 -6.77
C LEU A 34 -10.83 9.28 -5.53
N VAL A 35 -11.46 8.51 -4.64
CA VAL A 35 -12.07 9.04 -3.41
C VAL A 35 -11.14 8.71 -2.22
N GLY A 36 -10.89 9.69 -1.34
CA GLY A 36 -9.92 9.52 -0.26
C GLY A 36 -10.38 10.17 1.04
N THR A 37 -9.73 9.81 2.15
CA THR A 37 -10.00 10.44 3.44
C THR A 37 -8.69 11.08 3.90
N ARG A 38 -8.75 12.38 4.21
CA ARG A 38 -7.59 13.05 4.79
C ARG A 38 -7.79 13.14 6.31
N GLU A 39 -6.76 12.79 7.08
CA GLU A 39 -6.71 13.08 8.52
C GLU A 39 -5.79 14.21 8.77
N GLU A 40 -6.34 15.31 9.27
CA GLU A 40 -5.60 16.54 9.38
C GLU A 40 -5.25 16.77 10.85
N PRO A 41 -3.95 16.90 11.16
CA PRO A 41 -3.59 17.06 12.58
C PRO A 41 -3.46 18.51 12.97
N PHE A 42 -3.07 18.79 14.21
CA PHE A 42 -2.69 20.16 14.60
C PHE A 42 -1.34 20.54 14.03
N GLY A 43 -1.10 21.83 13.79
CA GLY A 43 0.24 22.29 13.41
C GLY A 43 0.30 22.95 12.05
N GLU A 44 1.10 24.01 11.93
CA GLU A 44 1.29 24.66 10.63
C GLU A 44 2.04 23.77 9.63
N ILE A 45 3.00 23.02 10.13
CA ILE A 45 3.83 22.15 9.33
CA ILE A 45 3.89 22.18 9.34
C ILE A 45 3.84 20.78 9.97
N TYR A 46 3.67 19.74 9.15
CA TYR A 46 3.68 18.37 9.70
C TYR A 46 4.11 17.43 8.61
N ASP A 47 4.50 16.24 9.01
CA ASP A 47 4.77 15.19 8.04
C ASP A 47 3.46 14.55 7.59
N MET A 48 3.45 13.84 6.45
CA MET A 48 2.22 13.18 6.00
C MET A 48 2.50 11.81 5.42
N ALA A 49 1.65 10.86 5.78
CA ALA A 49 1.76 9.48 5.28
C ALA A 49 0.69 9.25 4.23
N ILE A 50 1.07 8.60 3.13
CA ILE A 50 0.06 8.15 2.18
C ILE A 50 -0.10 6.65 2.47
N ILE A 51 -1.35 6.22 2.72
CA ILE A 51 -1.60 4.88 3.19
C ILE A 51 -2.34 4.14 2.08
N PHE A 52 -1.78 3.01 1.65
CA PHE A 52 -2.37 2.22 0.53
C PHE A 52 -2.96 0.88 0.99
N HIS A 53 -4.24 0.68 0.72
CA HIS A 53 -4.92 -0.59 1.00
C HIS A 53 -4.53 -1.74 0.04
N GLY A 54 -4.97 -2.95 0.41
CA GLY A 54 -4.65 -4.15 -0.36
C GLY A 54 -5.68 -4.54 -1.42
N PHE A 55 -5.43 -5.69 -2.03
CA PHE A 55 -6.24 -6.30 -3.08
C PHE A 55 -7.61 -6.71 -2.53
N THR A 56 -8.65 -6.17 -3.16
CA THR A 56 -10.05 -6.30 -2.77
C THR A 56 -10.44 -5.58 -1.49
N ALA A 57 -9.50 -4.84 -0.91
CA ALA A 57 -9.79 -4.11 0.34
C ALA A 57 -10.26 -2.68 -0.02
N ASN A 58 -10.16 -1.74 0.92
CA ASN A 58 -10.58 -0.39 0.70
C ASN A 58 -9.89 0.50 1.73
N ARG A 59 -10.11 1.82 1.64
CA ARG A 59 -9.33 2.82 2.40
C ARG A 59 -9.72 2.82 3.87
N ASN A 60 -10.81 2.12 4.20
CA ASN A 60 -11.36 2.17 5.56
C ASN A 60 -11.41 0.87 6.33
N THR A 61 -10.48 -0.03 6.09
CA THR A 61 -10.40 -1.22 6.92
C THR A 61 -10.04 -0.77 8.33
N SER A 62 -10.33 -1.62 9.30
CA SER A 62 -9.94 -1.32 10.69
C SER A 62 -8.43 -1.02 10.79
N LEU A 63 -7.62 -1.84 10.10
CA LEU A 63 -6.17 -1.66 10.13
C LEU A 63 -5.74 -0.27 9.65
N LEU A 64 -6.26 0.18 8.51
CA LEU A 64 -5.85 1.51 8.01
C LEU A 64 -6.42 2.66 8.84
N ARG A 65 -7.65 2.53 9.32
CA ARG A 65 -8.23 3.58 10.12
C ARG A 65 -7.44 3.71 11.40
N GLU A 66 -7.00 2.60 11.96
CA GLU A 66 -6.34 2.70 13.26
C GLU A 66 -4.92 3.23 13.09
N ILE A 67 -4.28 2.87 11.99
CA ILE A 67 -3.02 3.48 11.62
C ILE A 67 -3.20 5.00 11.46
N ALA A 68 -4.19 5.45 10.69
CA ALA A 68 -4.32 6.90 10.43
C ALA A 68 -4.58 7.63 11.75
N ASN A 69 -5.49 7.09 12.56
CA ASN A 69 -5.79 7.68 13.86
C ASN A 69 -4.56 7.81 14.77
N SER A 70 -3.75 6.76 14.82
CA SER A 70 -2.53 6.76 15.64
C SER A 70 -1.52 7.77 15.17
N LEU A 71 -1.33 7.85 13.86
CA LEU A 71 -0.42 8.85 13.29
C LEU A 71 -0.95 10.22 13.63
N ARG A 72 -2.25 10.43 13.49
CA ARG A 72 -2.82 11.76 13.75
C ARG A 72 -2.59 12.16 15.22
N ASP A 73 -2.65 11.19 16.14
CA ASP A 73 -2.39 11.49 17.55
C ASP A 73 -0.95 11.90 17.84
N GLU A 74 -0.02 11.54 16.96
CA GLU A 74 1.36 12.03 16.99
C GLU A 74 1.58 13.20 16.01
N ASN A 75 0.50 13.88 15.59
CA ASN A 75 0.55 15.05 14.66
C ASN A 75 1.13 14.74 13.30
N ILE A 76 0.90 13.53 12.81
CA ILE A 76 1.36 13.18 11.47
C ILE A 76 0.07 13.04 10.67
N ALA A 77 -0.04 13.82 9.60
CA ALA A 77 -1.26 13.82 8.79
C ALA A 77 -1.26 12.55 7.95
N SER A 78 -2.42 12.22 7.39
CA SER A 78 -2.42 11.14 6.42
C SER A 78 -3.50 11.31 5.37
N VAL A 79 -3.30 10.68 4.20
CA VAL A 79 -4.37 10.44 3.26
C VAL A 79 -4.43 8.97 2.90
N ARG A 80 -5.65 8.50 2.69
CA ARG A 80 -5.93 7.13 2.29
C ARG A 80 -7.05 7.13 1.26
N PHE A 81 -6.71 6.65 0.06
CA PHE A 81 -7.64 6.59 -1.07
C PHE A 81 -8.03 5.18 -1.42
N ASP A 82 -9.25 5.03 -1.91
CA ASP A 82 -9.61 3.81 -2.62
C ASP A 82 -8.93 3.79 -3.98
N PHE A 83 -8.26 2.67 -4.26
CA PHE A 83 -7.69 2.48 -5.61
C PHE A 83 -8.80 2.35 -6.66
N ASN A 84 -8.45 2.59 -7.92
CA ASN A 84 -9.37 2.24 -8.99
C ASN A 84 -9.94 0.82 -8.81
N GLY A 85 -11.22 0.63 -9.12
CA GLY A 85 -11.78 -0.71 -9.03
C GLY A 85 -12.16 -1.13 -7.61
N HIS A 86 -11.94 -0.24 -6.64
CA HIS A 86 -12.21 -0.56 -5.23
C HIS A 86 -13.01 0.55 -4.51
N GLY A 87 -13.77 0.15 -3.48
CA GLY A 87 -14.39 1.08 -2.56
C GLY A 87 -15.26 2.08 -3.30
N ASP A 88 -15.00 3.37 -3.05
CA ASP A 88 -15.82 4.42 -3.63
C ASP A 88 -15.22 5.03 -4.90
N SER A 89 -14.05 4.54 -5.29
CA SER A 89 -13.39 5.07 -6.46
C SER A 89 -13.96 4.46 -7.74
N ASP A 90 -13.67 5.13 -8.86
CA ASP A 90 -14.23 4.76 -10.17
C ASP A 90 -13.49 3.56 -10.71
N GLY A 91 -14.03 2.95 -11.78
CA GLY A 91 -13.37 1.87 -12.49
C GLY A 91 -13.84 0.49 -12.09
N LYS A 92 -13.88 -0.43 -13.04
CA LYS A 92 -14.26 -1.82 -12.75
C LYS A 92 -13.06 -2.52 -12.12
N PHE A 93 -13.33 -3.34 -11.11
CA PHE A 93 -12.31 -4.19 -10.54
C PHE A 93 -11.56 -5.00 -11.58
N GLU A 94 -12.29 -5.48 -12.59
CA GLU A 94 -11.70 -6.29 -13.63
C GLU A 94 -10.61 -5.57 -14.41
N ASN A 95 -10.67 -4.24 -14.39
CA ASN A 95 -9.69 -3.42 -15.14
C ASN A 95 -8.53 -2.87 -14.30
N MET A 96 -8.50 -3.22 -13.04
CA MET A 96 -7.40 -2.82 -12.12
C MET A 96 -6.17 -3.72 -12.38
N THR A 97 -4.98 -3.12 -12.32
CA THR A 97 -3.75 -3.90 -12.23
C THR A 97 -2.86 -3.25 -11.16
N VAL A 98 -1.76 -3.89 -10.82
CA VAL A 98 -0.81 -3.22 -9.93
C VAL A 98 -0.23 -1.95 -10.58
N LEU A 99 -0.02 -1.99 -11.89
CA LEU A 99 0.57 -0.81 -12.54
CA LEU A 99 0.52 -0.85 -12.64
C LEU A 99 -0.40 0.39 -12.56
N ASN A 100 -1.67 0.19 -12.87
CA ASN A 100 -2.58 1.36 -12.78
C ASN A 100 -2.86 1.80 -11.35
N GLU A 101 -2.67 0.92 -10.37
CA GLU A 101 -2.66 1.39 -8.96
C GLU A 101 -1.43 2.24 -8.63
N ILE A 102 -0.28 1.89 -9.21
CA ILE A 102 0.87 2.78 -9.09
C ILE A 102 0.58 4.13 -9.76
N GLU A 103 -0.11 4.12 -10.89
CA GLU A 103 -0.58 5.39 -11.51
C GLU A 103 -1.52 6.19 -10.57
N ASP A 104 -2.46 5.49 -9.94
CA ASP A 104 -3.30 6.11 -8.89
C ASP A 104 -2.41 6.71 -7.80
N ALA A 105 -1.43 5.92 -7.30
CA ALA A 105 -0.56 6.37 -6.21
C ALA A 105 0.23 7.59 -6.62
N ASN A 106 0.67 7.65 -7.88
CA ASN A 106 1.37 8.84 -8.33
C ASN A 106 0.48 10.09 -8.34
N ALA A 107 -0.80 9.91 -8.72
CA ALA A 107 -1.75 11.03 -8.72
C ALA A 107 -1.93 11.54 -7.28
N ILE A 108 -1.96 10.61 -6.32
CA ILE A 108 -2.13 10.94 -4.89
C ILE A 108 -0.88 11.68 -4.44
N LEU A 109 0.28 11.20 -4.85
CA LEU A 109 1.53 11.86 -4.47
C LEU A 109 1.59 13.28 -5.01
N ASN A 110 1.08 13.50 -6.24
CA ASN A 110 1.05 14.84 -6.82
C ASN A 110 0.30 15.79 -5.89
N TYR A 111 -0.83 15.31 -5.40
CA TYR A 111 -1.65 16.10 -4.48
C TYR A 111 -0.91 16.39 -3.17
N VAL A 112 -0.21 15.40 -2.64
CA VAL A 112 0.43 15.54 -1.32
C VAL A 112 1.66 16.46 -1.43
N LYS A 113 2.43 16.28 -2.50
CA LYS A 113 3.73 16.95 -2.54
C LYS A 113 3.57 18.45 -2.81
N THR A 114 2.37 18.86 -3.24
CA THR A 114 2.14 20.26 -3.50
C THR A 114 1.41 20.96 -2.34
N ASP A 115 1.11 20.24 -1.27
CA ASP A 115 0.45 20.83 -0.12
C ASP A 115 1.48 21.62 0.69
N PRO A 116 1.25 22.92 0.88
CA PRO A 116 2.24 23.78 1.55
C PRO A 116 2.50 23.41 3.02
N HIS A 117 1.64 22.63 3.66
CA HIS A 117 1.88 22.22 5.06
C HIS A 117 2.82 21.06 5.26
N VAL A 118 3.11 20.34 4.19
CA VAL A 118 3.73 19.04 4.35
C VAL A 118 5.24 19.16 4.36
N ARG A 119 5.86 18.56 5.37
CA ARG A 119 7.29 18.54 5.49
C ARG A 119 7.82 17.28 4.83
N ASN A 120 7.79 16.15 5.54
CA ASN A 120 8.29 14.89 4.97
C ASN A 120 7.14 14.05 4.52
N ILE A 121 7.33 13.30 3.43
CA ILE A 121 6.30 12.38 2.94
C ILE A 121 6.68 10.94 3.19
N TYR A 122 5.77 10.21 3.81
CA TYR A 122 5.96 8.77 4.08
C TYR A 122 4.94 7.93 3.30
N LEU A 123 5.34 6.71 2.92
CA LEU A 123 4.39 5.79 2.31
C LEU A 123 4.18 4.61 3.26
N VAL A 124 2.93 4.20 3.41
CA VAL A 124 2.61 3.08 4.23
C VAL A 124 1.68 2.20 3.41
N GLY A 125 2.08 0.94 3.18
CA GLY A 125 1.23 0.12 2.30
C GLY A 125 1.01 -1.29 2.86
N HIS A 126 -0.23 -1.77 2.77
CA HIS A 126 -0.58 -3.08 3.26
C HIS A 126 -0.75 -4.02 2.08
N ALA A 127 -0.01 -5.12 2.13
CA ALA A 127 -0.21 -6.25 1.17
C ALA A 127 -0.01 -5.80 -0.27
N GLN A 128 -0.99 -5.88 -1.17
CA GLN A 128 -0.71 -5.33 -2.52
C GLN A 128 -0.40 -3.81 -2.47
N GLY A 129 -1.01 -3.11 -1.52
CA GLY A 129 -0.66 -1.70 -1.30
C GLY A 129 0.79 -1.53 -0.89
N GLY A 130 1.39 -2.56 -0.29
CA GLY A 130 2.82 -2.51 0.01
C GLY A 130 3.70 -2.62 -1.24
N VAL A 131 3.24 -3.39 -2.22
CA VAL A 131 3.95 -3.45 -3.49
C VAL A 131 3.80 -2.09 -4.20
N VAL A 132 2.60 -1.53 -4.13
CA VAL A 132 2.42 -0.18 -4.73
C VAL A 132 3.36 0.81 -4.02
N ALA A 133 3.41 0.78 -2.70
CA ALA A 133 4.25 1.72 -1.94
C ALA A 133 5.72 1.53 -2.27
N SER A 134 6.16 0.25 -2.31
CA SER A 134 7.58 -0.01 -2.48
C SER A 134 8.04 0.43 -3.87
N MET A 135 7.21 0.18 -4.90
CA MET A 135 7.60 0.54 -6.24
C MET A 135 7.50 2.07 -6.41
N LEU A 136 6.48 2.68 -5.79
CA LEU A 136 6.42 4.15 -5.89
C LEU A 136 7.65 4.80 -5.24
N ALA A 137 8.05 4.30 -4.07
CA ALA A 137 9.21 4.89 -3.41
C ALA A 137 10.48 4.75 -4.24
N GLY A 138 10.56 3.65 -4.98
CA GLY A 138 11.68 3.39 -5.89
C GLY A 138 11.68 4.32 -7.10
N LEU A 139 10.50 4.80 -7.47
CA LEU A 139 10.39 5.83 -8.53
C LEU A 139 10.62 7.27 -8.02
N TYR A 140 10.38 7.48 -6.73
CA TYR A 140 10.60 8.78 -6.10
C TYR A 140 11.52 8.71 -4.87
N PRO A 141 12.72 8.15 -5.05
CA PRO A 141 13.59 7.92 -3.88
C PRO A 141 14.19 9.22 -3.37
N ASP A 142 14.19 10.24 -4.23
CA ASP A 142 14.61 11.62 -3.87
C ASP A 142 13.55 12.34 -3.04
N LEU A 143 12.30 11.90 -3.11
CA LEU A 143 11.21 12.61 -2.44
C LEU A 143 10.65 11.96 -1.18
N ILE A 144 10.43 10.66 -1.26
CA ILE A 144 9.87 9.92 -0.12
C ILE A 144 10.91 9.82 0.98
N LYS A 145 10.48 9.93 2.24
CA LYS A 145 11.46 10.00 3.34
C LYS A 145 11.60 8.69 4.12
N LYS A 146 10.47 7.97 4.26
CA LYS A 146 10.39 6.68 4.96
C LYS A 146 9.25 5.87 4.37
N VAL A 147 9.42 4.54 4.42
CA VAL A 147 8.40 3.64 3.94
C VAL A 147 8.11 2.60 5.02
N VAL A 148 6.83 2.28 5.20
CA VAL A 148 6.41 1.15 6.03
C VAL A 148 5.62 0.15 5.16
N LEU A 149 6.07 -1.10 5.15
CA LEU A 149 5.38 -2.14 4.39
C LEU A 149 4.81 -3.16 5.35
N LEU A 150 3.50 -3.39 5.22
CA LEU A 150 2.84 -4.39 6.07
C LEU A 150 2.39 -5.57 5.22
N ALA A 151 3.00 -6.74 5.46
CA ALA A 151 2.79 -7.95 4.67
C ALA A 151 2.78 -7.66 3.15
N PRO A 152 3.83 -6.95 2.63
CA PRO A 152 3.82 -6.49 1.23
C PRO A 152 3.75 -7.72 0.31
N ALA A 153 2.82 -7.67 -0.64
CA ALA A 153 2.41 -8.87 -1.35
C ALA A 153 3.27 -9.14 -2.58
N ALA A 154 4.59 -9.13 -2.42
CA ALA A 154 5.49 -9.27 -3.58
C ALA A 154 5.38 -10.65 -4.24
N THR A 155 4.85 -11.61 -3.47
CA THR A 155 4.56 -12.96 -3.97
C THR A 155 3.49 -13.00 -5.06
N LEU A 156 2.73 -11.91 -5.25
CA LEU A 156 1.73 -11.90 -6.33
C LEU A 156 2.40 -12.19 -7.69
N LYS A 157 3.66 -11.80 -7.84
CA LYS A 157 4.43 -12.10 -9.05
C LYS A 157 4.73 -13.59 -9.24
N GLY A 158 5.39 -14.19 -8.25
CA GLY A 158 5.64 -15.62 -8.26
C GLY A 158 4.36 -16.45 -8.40
N ASP A 159 3.29 -16.03 -7.71
CA ASP A 159 1.98 -16.68 -7.84
C ASP A 159 1.49 -16.70 -9.29
N ALA A 160 1.60 -15.55 -9.95
CA ALA A 160 1.13 -15.41 -11.32
C ALA A 160 2.00 -16.23 -12.27
N LEU A 161 3.29 -16.30 -11.99
CA LEU A 161 4.19 -17.15 -12.80
C LEU A 161 3.89 -18.64 -12.62
N GLU A 162 3.39 -18.98 -11.44
CA GLU A 162 3.09 -20.37 -11.15
C GLU A 162 1.70 -20.74 -11.66
N GLY A 163 0.81 -19.77 -11.81
CA GLY A 163 -0.54 -20.08 -12.29
C GLY A 163 -1.45 -20.41 -11.15
N ASN A 164 -1.13 -19.86 -9.98
CA ASN A 164 -1.94 -20.12 -8.80
C ASN A 164 -2.03 -18.88 -7.95
N THR A 165 -3.18 -18.20 -8.05
CA THR A 165 -3.41 -16.94 -7.37
C THR A 165 -4.50 -17.16 -6.33
N GLN A 166 -4.09 -17.23 -5.08
CA GLN A 166 -5.00 -17.47 -3.94
C GLN A 166 -5.98 -18.64 -4.16
N GLY A 167 -5.45 -19.78 -4.61
CA GLY A 167 -6.24 -20.98 -4.81
C GLY A 167 -6.85 -21.15 -6.19
N VAL A 168 -6.86 -20.08 -6.99
CA VAL A 168 -7.50 -20.10 -8.31
C VAL A 168 -6.38 -20.35 -9.30
N THR A 169 -6.50 -21.44 -10.06
CA THR A 169 -5.41 -21.83 -10.93
C THR A 169 -5.77 -21.56 -12.37
N TYR A 170 -4.74 -21.37 -13.19
CA TYR A 170 -4.92 -21.10 -14.62
C TYR A 170 -3.57 -21.43 -15.25
N ASN A 171 -3.53 -21.37 -16.56
CA ASN A 171 -2.31 -21.60 -17.32
C ASN A 171 -1.47 -20.29 -17.35
N PRO A 172 -0.30 -20.27 -16.67
CA PRO A 172 0.44 -19.01 -16.64
C PRO A 172 1.03 -18.67 -18.00
N ASP A 173 1.15 -19.66 -18.89
CA ASP A 173 1.66 -19.44 -20.24
C ASP A 173 0.60 -18.92 -21.19
N HIS A 174 -0.66 -19.04 -20.78
CA HIS A 174 -1.75 -18.55 -21.63
C HIS A 174 -2.86 -18.08 -20.70
N ILE A 175 -2.64 -16.91 -20.09
CA ILE A 175 -3.57 -16.47 -19.06
C ILE A 175 -4.87 -16.13 -19.75
N PRO A 176 -6.01 -16.48 -19.13
CA PRO A 176 -7.30 -16.26 -19.80
C PRO A 176 -7.70 -14.77 -19.88
N ASP A 177 -8.68 -14.40 -20.70
CA ASP A 177 -9.07 -12.98 -20.80
C ASP A 177 -9.46 -12.43 -19.44
N ARG A 178 -10.18 -13.23 -18.67
CA ARG A 178 -10.64 -12.78 -17.37
C ARG A 178 -10.75 -14.04 -16.50
N LEU A 179 -10.63 -13.88 -15.19
CA LEU A 179 -10.54 -15.00 -14.26
C LEU A 179 -11.56 -14.78 -13.11
N PRO A 180 -12.62 -15.62 -13.06
CA PRO A 180 -13.50 -15.44 -11.91
C PRO A 180 -12.71 -15.76 -10.66
N PHE A 181 -12.89 -14.90 -9.68
CA PHE A 181 -12.11 -14.87 -8.47
C PHE A 181 -13.06 -14.49 -7.36
N LYS A 182 -13.58 -15.47 -6.61
CA LYS A 182 -14.57 -15.15 -5.54
C LYS A 182 -15.84 -14.42 -6.10
N ASP A 183 -16.28 -13.28 -5.57
CA ASP A 183 -17.46 -12.61 -6.15
C ASP A 183 -17.07 -11.71 -7.28
N LEU A 184 -15.77 -11.71 -7.60
CA LEU A 184 -15.26 -10.74 -8.58
C LEU A 184 -14.74 -11.37 -9.89
N THR A 185 -14.33 -10.51 -10.80
CA THR A 185 -13.68 -10.94 -12.03
C THR A 185 -12.30 -10.22 -12.09
N LEU A 186 -11.22 -11.00 -11.97
CA LEU A 186 -9.87 -10.50 -12.07
C LEU A 186 -9.47 -10.41 -13.55
N GLY A 187 -8.87 -9.29 -13.96
CA GLY A 187 -8.49 -9.14 -15.36
C GLY A 187 -7.30 -10.02 -15.70
N GLY A 188 -7.34 -10.65 -16.86
CA GLY A 188 -6.16 -11.39 -17.31
C GLY A 188 -4.96 -10.47 -17.40
N PHE A 189 -5.19 -9.21 -17.75
CA PHE A 189 -4.03 -8.30 -17.87
C PHE A 189 -3.40 -8.01 -16.51
N TYR A 190 -4.19 -8.06 -15.43
CA TYR A 190 -3.62 -8.00 -14.08
C TYR A 190 -2.49 -9.03 -13.97
N LEU A 191 -2.80 -10.28 -14.36
CA LEU A 191 -1.87 -11.41 -14.16
C LEU A 191 -0.68 -11.33 -15.12
N ARG A 192 -0.92 -10.90 -16.35
CA ARG A 192 0.18 -10.78 -17.29
C ARG A 192 1.19 -9.71 -16.81
N ILE A 193 0.69 -8.59 -16.31
CA ILE A 193 1.51 -7.54 -15.65
C ILE A 193 2.22 -8.13 -14.46
N ALA A 194 1.47 -8.85 -13.60
CA ALA A 194 2.05 -9.34 -12.34
C ALA A 194 3.29 -10.20 -12.61
N GLN A 195 3.24 -11.02 -13.65
CA GLN A 195 4.33 -11.94 -13.93
C GLN A 195 5.68 -11.26 -14.19
N GLN A 196 5.61 -10.05 -14.75
CA GLN A 196 6.85 -9.35 -15.18
C GLN A 196 7.06 -8.03 -14.46
N LEU A 197 6.40 -7.88 -13.32
CA LEU A 197 6.57 -6.62 -12.57
C LEU A 197 7.94 -6.63 -11.96
N PRO A 198 8.71 -5.55 -12.19
CA PRO A 198 10.04 -5.51 -11.56
C PRO A 198 9.99 -4.99 -10.10
N ILE A 199 9.37 -5.77 -9.22
CA ILE A 199 9.00 -5.30 -7.89
C ILE A 199 10.28 -4.99 -7.13
N TYR A 200 11.13 -5.99 -6.99
CA TYR A 200 12.35 -5.71 -6.19
C TYR A 200 13.34 -4.80 -6.86
N GLU A 201 13.50 -4.90 -8.18
CA GLU A 201 14.39 -4.00 -8.91
C GLU A 201 14.06 -2.52 -8.71
N VAL A 202 12.79 -2.16 -8.90
CA VAL A 202 12.41 -0.78 -8.71
C VAL A 202 12.47 -0.44 -7.20
N SER A 203 11.95 -1.34 -6.35
CA SER A 203 11.83 -1.00 -4.94
C SER A 203 13.22 -0.70 -4.33
N ALA A 204 14.23 -1.45 -4.77
CA ALA A 204 15.54 -1.38 -4.14
C ALA A 204 16.25 -0.05 -4.35
N GLN A 205 15.72 0.79 -5.25
CA GLN A 205 16.32 2.09 -5.49
C GLN A 205 16.06 3.07 -4.34
N PHE A 206 15.14 2.72 -3.43
CA PHE A 206 14.87 3.55 -2.26
C PHE A 206 15.86 3.11 -1.16
N THR A 207 16.73 4.03 -0.76
CA THR A 207 17.84 3.70 0.15
C THR A 207 17.65 4.33 1.52
N LYS A 208 16.50 4.97 1.71
CA LYS A 208 16.22 5.60 3.01
C LYS A 208 15.46 4.60 3.90
N PRO A 209 15.10 5.00 5.13
CA PRO A 209 14.62 3.97 6.04
C PRO A 209 13.29 3.26 5.68
N VAL A 210 13.29 1.93 5.82
CA VAL A 210 12.11 1.11 5.57
C VAL A 210 11.85 0.25 6.81
N CYS A 211 10.57 0.17 7.20
CA CYS A 211 10.12 -0.73 8.26
C CYS A 211 9.29 -1.81 7.59
N LEU A 212 9.67 -3.08 7.80
CA LEU A 212 8.95 -4.24 7.25
C LEU A 212 8.22 -4.97 8.37
N ILE A 213 6.91 -5.20 8.24
CA ILE A 213 6.15 -5.84 9.34
C ILE A 213 5.38 -6.98 8.71
N HIS A 214 5.50 -8.19 9.25
CA HIS A 214 4.86 -9.36 8.60
C HIS A 214 4.51 -10.37 9.66
N GLY A 215 3.30 -10.90 9.58
CA GLY A 215 2.87 -11.93 10.56
C GLY A 215 3.36 -13.32 10.19
N THR A 216 3.76 -14.10 11.18
CA THR A 216 4.35 -15.41 10.92
C THR A 216 3.31 -16.41 10.48
N ASP A 217 2.05 -16.14 10.82
CA ASP A 217 0.97 -17.04 10.42
C ASP A 217 0.21 -16.45 9.22
N ASP A 218 0.86 -15.59 8.44
CA ASP A 218 0.23 -15.08 7.23
C ASP A 218 0.12 -16.22 6.21
N THR A 219 -1.11 -16.60 5.85
CA THR A 219 -1.35 -17.71 4.91
C THR A 219 -1.59 -17.22 3.51
N VAL A 220 -1.63 -15.89 3.34
CA VAL A 220 -1.90 -15.27 2.03
C VAL A 220 -0.62 -14.85 1.31
N VAL A 221 0.30 -14.25 2.05
CA VAL A 221 1.60 -13.82 1.52
C VAL A 221 2.63 -14.38 2.50
N SER A 222 3.52 -15.23 2.01
CA SER A 222 4.54 -15.79 2.87
C SER A 222 5.42 -14.68 3.48
N PRO A 223 5.77 -14.81 4.77
CA PRO A 223 6.72 -13.88 5.40
C PRO A 223 8.05 -13.82 4.64
N ASN A 224 8.30 -14.82 3.80
CA ASN A 224 9.46 -14.75 2.96
C ASN A 224 9.48 -13.50 2.09
N ALA A 225 8.32 -12.95 1.72
CA ALA A 225 8.35 -11.71 0.91
C ALA A 225 9.08 -10.61 1.68
N SER A 226 8.80 -10.51 2.98
CA SER A 226 9.38 -9.40 3.76
C SER A 226 10.86 -9.70 4.08
N LYS A 227 11.19 -10.97 4.24
CA LYS A 227 12.60 -11.35 4.40
C LYS A 227 13.39 -10.94 3.17
N LYS A 228 12.78 -11.11 1.98
CA LYS A 228 13.47 -10.73 0.75
C LYS A 228 13.61 -9.23 0.60
N TYR A 229 12.54 -8.48 0.90
CA TYR A 229 12.68 -7.03 0.93
C TYR A 229 13.81 -6.62 1.89
N ASP A 230 13.90 -7.27 3.04
CA ASP A 230 14.88 -6.86 4.03
C ASP A 230 16.29 -7.11 3.47
N GLN A 231 16.43 -8.16 2.67
CA GLN A 231 17.70 -8.45 1.99
C GLN A 231 18.04 -7.34 0.99
N ILE A 232 17.05 -6.94 0.19
CA ILE A 232 17.33 -6.05 -0.93
C ILE A 232 17.50 -4.58 -0.52
N TYR A 233 16.83 -4.16 0.55
CA TYR A 233 16.88 -2.75 0.95
C TYR A 233 18.20 -2.36 1.66
N GLN A 234 18.73 -1.19 1.34
CA GLN A 234 19.94 -0.68 2.00
C GLN A 234 19.73 -0.32 3.48
N ASN A 235 18.53 0.09 3.84
CA ASN A 235 18.29 0.60 5.19
C ASN A 235 16.93 0.11 5.69
N SER A 236 16.84 -1.16 6.07
CA SER A 236 15.56 -1.71 6.51
C SER A 236 15.64 -2.40 7.86
N THR A 237 14.47 -2.54 8.46
CA THR A 237 14.31 -3.20 9.74
C THR A 237 13.14 -4.11 9.58
N LEU A 238 13.35 -5.39 9.93
CA LEU A 238 12.30 -6.38 9.77
C LEU A 238 11.69 -6.79 11.13
N HIS A 239 10.36 -6.81 11.19
CA HIS A 239 9.63 -7.25 12.39
C HIS A 239 8.69 -8.36 12.02
N LEU A 240 8.99 -9.59 12.44
CA LEU A 240 8.08 -10.71 12.19
C LEU A 240 7.18 -10.86 13.41
N ILE A 241 5.86 -10.76 13.19
CA ILE A 241 4.96 -10.71 14.35
C ILE A 241 4.48 -12.12 14.62
N GLU A 242 4.92 -12.68 15.75
CA GLU A 242 4.65 -14.08 16.03
C GLU A 242 3.16 -14.31 16.17
N GLY A 243 2.60 -15.16 15.33
CA GLY A 243 1.19 -15.47 15.47
C GLY A 243 0.20 -14.70 14.62
N ALA A 244 0.64 -13.58 14.06
CA ALA A 244 -0.22 -12.65 13.31
C ALA A 244 -0.58 -13.17 11.90
N ASP A 245 -1.76 -12.80 11.45
CA ASP A 245 -2.27 -13.22 10.17
C ASP A 245 -2.04 -12.09 9.16
N HIS A 246 -2.63 -12.25 7.98
CA HIS A 246 -2.37 -11.35 6.87
C HIS A 246 -2.90 -9.95 7.12
N CYS A 247 -4.00 -9.85 7.86
CA CYS A 247 -4.57 -8.54 8.11
C CYS A 247 -4.22 -7.98 9.49
N PHE A 248 -3.34 -8.65 10.24
CA PHE A 248 -3.04 -8.23 11.63
C PHE A 248 -4.33 -8.03 12.38
N SER A 249 -5.20 -9.00 12.26
CA SER A 249 -6.50 -8.87 12.79
C SER A 249 -6.51 -9.01 14.31
N ASP A 250 -7.53 -8.45 14.91
CA ASP A 250 -7.85 -8.68 16.32
C ASP A 250 -6.70 -8.39 17.28
N SER A 251 -6.21 -9.39 18.00
CA SER A 251 -5.15 -9.20 19.01
C SER A 251 -3.81 -8.71 18.42
N TYR A 252 -3.66 -8.81 17.10
CA TYR A 252 -2.39 -8.52 16.44
C TYR A 252 -2.33 -7.11 15.89
N GLN A 253 -3.48 -6.46 15.83
CA GLN A 253 -3.56 -5.19 15.12
C GLN A 253 -2.66 -4.12 15.70
N LYS A 254 -2.58 -4.02 17.01
CA LYS A 254 -1.70 -3.00 17.58
C LYS A 254 -0.22 -3.18 17.33
N ASN A 255 0.23 -4.41 17.01
CA ASN A 255 1.64 -4.63 16.58
C ASN A 255 1.87 -3.79 15.33
N ALA A 256 0.92 -3.87 14.41
CA ALA A 256 1.06 -3.16 13.12
C ALA A 256 0.96 -1.64 13.36
N VAL A 257 -0.01 -1.23 14.19
CA VAL A 257 -0.20 0.18 14.43
C VAL A 257 0.98 0.77 15.20
N ASN A 258 1.41 0.08 16.27
CA ASN A 258 2.52 0.63 17.06
C ASN A 258 3.83 0.77 16.30
N LEU A 259 4.24 -0.29 15.62
CA LEU A 259 5.50 -0.26 14.88
C LEU A 259 5.45 0.83 13.80
N THR A 260 4.32 0.92 13.11
CA THR A 260 4.20 1.96 12.07
C THR A 260 4.32 3.34 12.70
N THR A 261 3.57 3.59 13.78
CA THR A 261 3.60 4.90 14.40
C THR A 261 4.99 5.25 14.94
N ASP A 262 5.61 4.29 15.64
CA ASP A 262 6.93 4.56 16.23
C ASP A 262 7.95 4.87 15.14
N PHE A 263 7.89 4.14 14.03
CA PHE A 263 8.84 4.32 12.97
C PHE A 263 8.76 5.71 12.32
N LEU A 264 7.55 6.21 12.13
CA LEU A 264 7.34 7.48 11.45
C LEU A 264 7.53 8.71 12.35
N GLN A 265 7.39 8.48 13.67
CA GLN A 265 7.73 9.32 14.86
C GLN A 265 6.59 9.62 15.83
C4 FER B . -1.55 -12.95 -4.87
C5 FER B . -1.27 -12.93 -3.51
C6 FER B . -1.71 -11.83 -2.72
C3 FER B . -2.23 -11.90 -5.40
C2 FER B . -2.52 -10.78 -4.61
C1 FER B . -2.52 -10.82 -3.25
C10 FER B . -3.69 -11.29 -7.06
C7 FER B . -2.89 -9.63 -2.59
C8 FER B . -2.96 -9.53 -1.21
C9 FER B . -3.33 -8.36 -0.56
O1 FER B . -3.57 -7.31 -1.18
O2 FER B . -3.89 -8.59 0.58
O4 FER B . -1.17 -13.97 -5.71
O3 FER B . -2.50 -11.92 -6.71
NA NA C . -3.80 -15.15 7.01
NA NA D . 14.36 -13.39 9.50
NA NA E . 10.64 19.69 3.48
CL CL F . -2.98 16.18 16.18
CL CL G . -2.36 26.74 9.43
CL CL H . 12.93 -10.79 -8.96
CL CL I . -15.02 5.70 11.15
CL CL J . -12.36 5.22 13.00
CL CL K . 6.20 -2.80 -16.24
CL CL L . -5.78 -3.10 3.45
CL CL M . -12.30 -4.23 8.66
CL CL N . -11.07 17.44 -3.02
CL CL O . 5.73 -10.87 18.47
CL CL P . 13.10 17.28 8.14
O7 PE4 Q . -7.06 25.34 23.46
C13 PE4 Q . -6.23 26.47 23.87
C14 PE4 Q . -6.69 27.60 22.99
O8 PE4 Q . -6.06 28.89 23.03
C15 PE4 Q . -6.87 29.83 22.25
C16 PE4 Q . -7.28 29.60 20.81
#